data_3UIE
#
_entry.id   3UIE
#
_cell.length_a   121.137
_cell.length_b   95.313
_cell.length_c   73.327
_cell.angle_alpha   90.00
_cell.angle_beta   114.08
_cell.angle_gamma   90.00
#
_symmetry.space_group_name_H-M   'C 1 2 1'
#
loop_
_entity.id
_entity.type
_entity.pdbx_description
1 polymer 'Adenylyl-sulfate kinase 1, chloroplastic'
2 non-polymer "ADENOSINE-5'-PHOSPHOSULFATE"
3 non-polymer 'PHOSPHOAMINOPHOSPHONIC ACID-ADENYLATE ESTER'
4 non-polymer 'MAGNESIUM ION'
5 water water
#
_entity_poly.entity_id   1
_entity_poly.type   'polypeptide(L)'
_entity_poly.pdbx_seq_one_letter_code
;NSTNIKWHECSVEKVDRQRLLDQKGCVIWVTGLSGSGKSTLACALNQMLYQKGKLCYILDGDNVRHGLNRDLSFKAEDRA
ENIRRVGEVAKLFADAGIICIASLISPYRTDRDACRSLLPEGDFVEVFMDVPLSVCEARDPKGLYKLARAGKIKGFTGID
DPYEPPLNCEISLGREGGTSPIEMAEKVVGYLDNKGYLQA
;
_entity_poly.pdbx_strand_id   A,B,C
#
# COMPACT_ATOMS: atom_id res chain seq x y z
N CYS A 10 12.79 -23.54 35.31
N CYS A 10 12.74 -23.57 35.50
CA CYS A 10 13.83 -22.73 35.91
CA CYS A 10 13.87 -22.75 35.97
C CYS A 10 13.48 -21.25 35.88
C CYS A 10 13.59 -21.25 35.79
N SER A 11 14.22 -20.45 36.63
CA SER A 11 13.96 -19.01 36.67
C SER A 11 14.37 -18.26 35.41
N VAL A 12 15.34 -18.77 34.67
CA VAL A 12 15.76 -18.10 33.43
C VAL A 12 14.78 -18.38 32.30
N GLU A 13 14.13 -17.33 31.80
CA GLU A 13 13.07 -17.46 30.79
C GLU A 13 13.57 -17.19 29.38
N LYS A 14 12.75 -17.53 28.39
CA LYS A 14 13.07 -17.21 27.00
C LYS A 14 13.33 -15.72 26.84
N VAL A 15 12.53 -14.88 27.49
CA VAL A 15 12.71 -13.43 27.36
C VAL A 15 14.03 -12.95 27.95
N ASP A 16 14.54 -13.68 28.96
CA ASP A 16 15.85 -13.34 29.51
C ASP A 16 16.94 -13.67 28.50
N ARG A 17 16.84 -14.82 27.85
CA ARG A 17 17.83 -15.17 26.83
C ARG A 17 17.75 -14.18 25.65
N GLN A 18 16.54 -13.74 25.34
CA GLN A 18 16.37 -12.82 24.20
C GLN A 18 16.98 -11.46 24.55
N ARG A 19 16.80 -11.05 25.80
CA ARG A 19 17.38 -9.81 26.30
C ARG A 19 18.91 -9.86 26.22
N LEU A 20 19.49 -11.00 26.56
CA LEU A 20 20.93 -11.18 26.47
C LEU A 20 21.43 -11.07 25.02
N LEU A 21 20.73 -11.71 24.08
CA LEU A 21 21.14 -11.77 22.68
C LEU A 21 20.66 -10.57 21.86
N ASP A 22 19.75 -9.78 22.42
CA ASP A 22 19.07 -8.72 21.65
C ASP A 22 18.45 -9.20 20.33
N GLN A 23 17.68 -10.29 20.40
CA GLN A 23 16.91 -10.80 19.26
C GLN A 23 15.82 -11.70 19.80
N LYS A 24 14.93 -12.15 18.92
CA LYS A 24 13.88 -13.06 19.31
C LYS A 24 14.09 -14.44 18.69
N GLY A 25 13.95 -15.48 19.51
CA GLY A 25 14.07 -16.84 19.04
C GLY A 25 12.96 -17.12 18.05
N CYS A 26 13.25 -17.87 17.01
CA CYS A 26 12.22 -18.19 16.03
C CYS A 26 12.70 -19.34 15.17
N VAL A 27 11.80 -19.86 14.35
CA VAL A 27 12.17 -20.93 13.41
C VAL A 27 11.91 -20.43 12.00
N ILE A 28 12.95 -20.45 11.15
CA ILE A 28 12.81 -20.11 9.73
C ILE A 28 12.82 -21.45 9.01
N TRP A 29 11.65 -21.89 8.57
CA TRP A 29 11.50 -23.22 7.99
C TRP A 29 11.59 -23.14 6.47
N VAL A 30 12.73 -23.56 5.92
CA VAL A 30 12.97 -23.49 4.47
C VAL A 30 12.69 -24.83 3.80
N THR A 31 11.67 -24.85 2.95
CA THR A 31 11.23 -26.08 2.28
C THR A 31 11.28 -25.94 0.74
N GLY A 32 11.47 -27.06 0.05
CA GLY A 32 11.49 -27.01 -1.40
C GLY A 32 12.13 -28.28 -1.94
N LEU A 33 11.94 -28.51 -3.24
CA LEU A 33 12.54 -29.67 -3.91
C LEU A 33 14.04 -29.74 -3.69
N SER A 34 14.62 -30.93 -3.84
CA SER A 34 16.05 -31.07 -3.96
C SER A 34 16.55 -30.16 -5.08
N GLY A 35 17.60 -29.40 -4.80
CA GLY A 35 18.20 -28.53 -5.80
C GLY A 35 17.55 -27.15 -5.91
N SER A 36 16.54 -26.89 -5.08
CA SER A 36 15.81 -25.62 -5.16
C SER A 36 16.59 -24.46 -4.56
N GLY A 37 17.65 -24.78 -3.83
CA GLY A 37 18.53 -23.78 -3.25
C GLY A 37 18.30 -23.48 -1.76
N LYS A 38 17.72 -24.43 -1.03
CA LYS A 38 17.46 -24.23 0.40
C LYS A 38 18.73 -23.98 1.21
N SER A 39 19.74 -24.82 1.02
CA SER A 39 20.97 -24.72 1.80
C SER A 39 21.74 -23.44 1.45
N THR A 40 21.72 -23.10 0.17
CA THR A 40 22.40 -21.92 -0.29
C THR A 40 21.78 -20.66 0.33
N LEU A 41 20.46 -20.62 0.36
CA LEU A 41 19.74 -19.54 1.01
C LEU A 41 20.02 -19.55 2.53
N ALA A 42 19.97 -20.72 3.15
CA ALA A 42 20.24 -20.78 4.60
C ALA A 42 21.61 -20.19 4.96
N CYS A 43 22.63 -20.55 4.18
N CYS A 43 22.63 -20.50 4.16
CA CYS A 43 23.97 -20.01 4.42
CA CYS A 43 23.97 -19.99 4.46
C CYS A 43 24.00 -18.50 4.25
C CYS A 43 24.14 -18.51 4.16
N ALA A 44 23.47 -18.01 3.12
CA ALA A 44 23.48 -16.58 2.84
C ALA A 44 22.80 -15.82 3.99
N LEU A 45 21.68 -16.34 4.45
CA LEU A 45 20.93 -15.73 5.55
C LEU A 45 21.75 -15.70 6.84
N ASN A 46 22.37 -16.83 7.17
CA ASN A 46 23.19 -16.94 8.37
C ASN A 46 24.33 -15.95 8.30
N GLN A 47 24.98 -15.85 7.15
CA GLN A 47 26.10 -14.94 7.01
C GLN A 47 25.67 -13.50 7.25
N MET A 48 24.52 -13.14 6.69
CA MET A 48 24.02 -11.77 6.76
C MET A 48 23.58 -11.43 8.19
N LEU A 49 22.92 -12.38 8.86
CA LEU A 49 22.47 -12.13 10.22
C LEU A 49 23.65 -12.07 11.18
N TYR A 50 24.63 -12.94 10.95
CA TYR A 50 25.83 -12.94 11.80
C TYR A 50 26.52 -11.57 11.71
N GLN A 51 26.60 -11.01 10.51
CA GLN A 51 27.28 -9.72 10.35
C GLN A 51 26.51 -8.57 11.07
N LYS A 52 25.20 -8.74 11.22
CA LYS A 52 24.40 -7.81 12.01
C LYS A 52 24.44 -8.11 13.52
N GLY A 53 25.23 -9.11 13.91
CA GLY A 53 25.39 -9.46 15.31
C GLY A 53 24.28 -10.34 15.85
N LYS A 54 23.58 -11.04 14.96
CA LYS A 54 22.50 -11.93 15.42
C LYS A 54 22.96 -13.39 15.36
N LEU A 55 22.52 -14.19 16.31
CA LEU A 55 22.95 -15.58 16.41
C LEU A 55 21.93 -16.50 15.77
N CYS A 56 22.37 -17.21 14.73
CA CYS A 56 21.53 -18.16 14.00
CA CYS A 56 21.50 -18.18 14.08
C CYS A 56 22.16 -19.54 14.08
N TYR A 57 21.37 -20.57 13.85
CA TYR A 57 21.93 -21.92 13.73
C TYR A 57 21.13 -22.68 12.69
N ILE A 58 21.82 -23.34 11.75
CA ILE A 58 21.16 -24.05 10.67
C ILE A 58 20.99 -25.53 10.97
N LEU A 59 19.77 -26.02 10.92
CA LEU A 59 19.49 -27.45 10.94
C LEU A 59 19.23 -27.91 9.52
N ASP A 60 20.25 -28.49 8.89
CA ASP A 60 20.12 -28.92 7.51
C ASP A 60 19.80 -30.41 7.43
N GLY A 61 18.81 -30.75 6.61
CA GLY A 61 18.37 -32.12 6.51
C GLY A 61 19.50 -33.09 6.30
N ASP A 62 20.40 -32.79 5.39
CA ASP A 62 21.53 -33.69 5.16
C ASP A 62 22.37 -33.86 6.43
N ASN A 63 22.79 -32.75 7.03
CA ASN A 63 23.58 -32.82 8.27
C ASN A 63 22.91 -33.65 9.35
N VAL A 64 21.68 -33.28 9.69
CA VAL A 64 20.97 -33.94 10.79
CA VAL A 64 20.98 -33.94 10.78
C VAL A 64 20.76 -35.43 10.51
N ARG A 65 20.67 -35.79 9.24
CA ARG A 65 20.48 -37.20 8.88
C ARG A 65 21.73 -38.03 9.11
N HIS A 66 22.85 -37.36 9.39
CA HIS A 66 24.08 -38.07 9.74
C HIS A 66 24.32 -38.17 11.25
N GLY A 67 23.48 -37.50 12.03
CA GLY A 67 23.61 -37.51 13.48
C GLY A 67 22.34 -37.94 14.20
N LEU A 68 21.59 -36.96 14.68
CA LEU A 68 20.33 -37.23 15.37
C LEU A 68 19.45 -38.19 14.58
N ASN A 69 19.35 -37.96 13.27
CA ASN A 69 18.44 -38.76 12.46
C ASN A 69 19.13 -39.79 11.58
N ARG A 70 20.26 -40.28 12.07
CA ARG A 70 21.03 -41.27 11.32
C ARG A 70 20.26 -42.59 11.19
N ASP A 71 19.22 -42.74 12.00
CA ASP A 71 18.43 -43.98 11.97
C ASP A 71 17.26 -43.94 10.98
N LEU A 72 17.07 -42.80 10.31
CA LEU A 72 15.92 -42.64 9.42
C LEU A 72 16.24 -42.86 7.95
N SER A 73 15.31 -43.50 7.24
CA SER A 73 15.44 -43.70 5.81
C SER A 73 14.67 -42.60 5.07
N PHE A 74 14.30 -42.87 3.81
CA PHE A 74 13.51 -41.92 3.04
C PHE A 74 12.11 -42.46 2.72
N LYS A 75 11.76 -43.60 3.31
CA LYS A 75 10.38 -44.06 3.25
C LYS A 75 9.50 -42.94 3.81
N ALA A 76 8.24 -42.90 3.40
CA ALA A 76 7.37 -41.79 3.77
C ALA A 76 7.29 -41.60 5.28
N GLU A 77 7.17 -42.70 6.01
CA GLU A 77 7.02 -42.62 7.46
C GLU A 77 8.29 -42.03 8.11
N ASP A 78 9.43 -42.29 7.48
CA ASP A 78 10.70 -41.83 8.02
C ASP A 78 10.93 -40.37 7.67
N ARG A 79 10.39 -39.92 6.54
CA ARG A 79 10.40 -38.50 6.21
C ARG A 79 9.57 -37.72 7.24
N ALA A 80 8.41 -38.25 7.59
CA ALA A 80 7.55 -37.63 8.60
C ALA A 80 8.26 -37.53 9.97
N GLU A 81 8.94 -38.61 10.37
CA GLU A 81 9.67 -38.62 11.63
C GLU A 81 10.86 -37.65 11.57
N ASN A 82 11.54 -37.63 10.43
CA ASN A 82 12.64 -36.70 10.21
C ASN A 82 12.17 -35.26 10.44
N ILE A 83 11.06 -34.89 9.80
CA ILE A 83 10.50 -33.55 9.90
C ILE A 83 10.04 -33.29 11.33
N ARG A 84 9.37 -34.27 11.92
CA ARG A 84 8.87 -34.12 13.27
C ARG A 84 10.01 -33.81 14.25
N ARG A 85 11.09 -34.59 14.19
CA ARG A 85 12.19 -34.38 15.12
C ARG A 85 12.86 -33.04 14.87
N VAL A 86 13.04 -32.68 13.60
CA VAL A 86 13.64 -31.39 13.29
C VAL A 86 12.78 -30.23 13.81
N GLY A 87 11.46 -30.35 13.68
CA GLY A 87 10.55 -29.35 14.24
C GLY A 87 10.71 -29.20 15.75
N GLU A 88 10.84 -30.32 16.45
CA GLU A 88 11.01 -30.29 17.89
C GLU A 88 12.35 -29.66 18.30
N VAL A 89 13.40 -29.99 17.56
CA VAL A 89 14.70 -29.41 17.87
C VAL A 89 14.72 -27.91 17.55
N ALA A 90 14.11 -27.54 16.43
CA ALA A 90 14.00 -26.12 16.07
C ALA A 90 13.27 -25.35 17.16
N LYS A 91 12.25 -25.96 17.74
CA LYS A 91 11.51 -25.33 18.82
C LYS A 91 12.41 -25.09 20.03
N LEU A 92 13.28 -26.06 20.34
CA LEU A 92 14.22 -25.89 21.45
C LEU A 92 15.20 -24.73 21.16
N PHE A 93 15.70 -24.65 19.93
CA PHE A 93 16.58 -23.55 19.58
C PHE A 93 15.90 -22.19 19.68
N ALA A 94 14.66 -22.12 19.19
CA ALA A 94 13.88 -20.90 19.30
C ALA A 94 13.70 -20.53 20.78
N ASP A 95 13.46 -21.54 21.63
CA ASP A 95 13.25 -21.28 23.03
C ASP A 95 14.54 -20.77 23.70
N ALA A 96 15.68 -21.16 23.13
CA ALA A 96 16.99 -20.71 23.60
C ALA A 96 17.29 -19.29 23.13
N GLY A 97 16.41 -18.73 22.28
CA GLY A 97 16.55 -17.37 21.79
C GLY A 97 17.24 -17.27 20.43
N ILE A 98 17.51 -18.42 19.82
CA ILE A 98 18.27 -18.51 18.58
C ILE A 98 17.33 -18.38 17.37
N ILE A 99 17.81 -17.76 16.29
CA ILE A 99 17.12 -17.78 15.02
C ILE A 99 17.51 -19.07 14.34
N CYS A 100 16.60 -20.04 14.40
CA CYS A 100 16.90 -21.38 13.91
C CYS A 100 16.42 -21.54 12.47
N ILE A 101 17.36 -21.84 11.57
CA ILE A 101 17.02 -21.99 10.16
C ILE A 101 17.00 -23.47 9.81
N ALA A 102 15.81 -24.00 9.50
CA ALA A 102 15.70 -25.40 9.15
C ALA A 102 15.62 -25.53 7.65
N SER A 103 16.52 -26.31 7.07
CA SER A 103 16.60 -26.46 5.61
CA SER A 103 16.54 -26.45 5.62
C SER A 103 16.46 -27.92 5.23
N LEU A 104 15.23 -28.36 4.97
CA LEU A 104 14.92 -29.76 4.70
C LEU A 104 13.93 -29.76 3.56
N ILE A 105 13.99 -30.77 2.70
CA ILE A 105 12.98 -30.88 1.64
C ILE A 105 11.58 -30.81 2.24
N SER A 106 11.38 -31.54 3.33
CA SER A 106 10.11 -31.56 4.07
C SER A 106 8.88 -31.51 3.16
N PRO A 107 8.68 -32.56 2.35
CA PRO A 107 7.72 -32.51 1.24
C PRO A 107 6.26 -32.52 1.65
N TYR A 108 5.93 -33.00 2.84
CA TYR A 108 4.55 -33.22 3.23
C TYR A 108 3.97 -32.04 4.02
N ARG A 109 2.86 -31.52 3.52
CA ARG A 109 2.20 -30.35 4.06
C ARG A 109 1.78 -30.60 5.52
N THR A 110 1.17 -31.76 5.75
CA THR A 110 0.70 -32.10 7.09
C THR A 110 1.84 -32.10 8.11
N ASP A 111 3.03 -32.54 7.69
CA ASP A 111 4.16 -32.61 8.62
C ASP A 111 4.77 -31.24 8.87
N ARG A 112 4.89 -30.41 7.84
CA ARG A 112 5.33 -29.03 8.08
C ARG A 112 4.33 -28.27 8.94
N ASP A 113 3.03 -28.48 8.71
CA ASP A 113 2.02 -27.79 9.51
C ASP A 113 2.09 -28.19 10.99
N ALA A 114 2.44 -29.44 11.25
CA ALA A 114 2.58 -29.88 12.63
C ALA A 114 3.77 -29.20 13.32
N CYS A 115 4.83 -28.95 12.57
CA CYS A 115 5.97 -28.22 13.13
C CYS A 115 5.55 -26.80 13.48
N ARG A 116 4.76 -26.19 12.61
CA ARG A 116 4.23 -24.86 12.86
C ARG A 116 3.40 -24.80 14.15
N SER A 117 2.57 -25.83 14.37
CA SER A 117 1.69 -25.86 15.53
CA SER A 117 1.70 -25.84 15.54
C SER A 117 2.47 -26.00 16.85
N LEU A 118 3.71 -26.46 16.76
CA LEU A 118 4.58 -26.61 17.95
C LEU A 118 4.96 -25.27 18.51
N LEU A 119 4.85 -24.23 17.68
CA LEU A 119 5.36 -22.92 18.05
C LEU A 119 4.25 -21.91 18.22
N PRO A 120 4.48 -20.90 19.08
CA PRO A 120 3.53 -19.81 19.25
C PRO A 120 3.29 -19.10 17.92
N GLU A 121 2.13 -18.50 17.73
CA GLU A 121 1.84 -17.77 16.51
C GLU A 121 2.92 -16.73 16.28
N GLY A 122 3.40 -16.65 15.04
CA GLY A 122 4.45 -15.71 14.69
C GLY A 122 5.87 -16.26 14.73
N ASP A 123 6.12 -17.27 15.55
CA ASP A 123 7.49 -17.78 15.76
C ASP A 123 7.95 -18.77 14.67
N PHE A 124 7.07 -19.08 13.72
CA PHE A 124 7.39 -20.04 12.67
C PHE A 124 7.22 -19.35 11.32
N VAL A 125 8.33 -19.18 10.61
CA VAL A 125 8.32 -18.47 9.33
C VAL A 125 8.60 -19.47 8.23
N GLU A 126 7.56 -19.85 7.50
CA GLU A 126 7.70 -20.85 6.44
C GLU A 126 8.18 -20.19 5.17
N VAL A 127 9.31 -20.65 4.66
CA VAL A 127 9.96 -20.06 3.49
C VAL A 127 9.98 -21.08 2.36
N PHE A 128 9.29 -20.77 1.26
CA PHE A 128 9.17 -21.72 0.15
C PHE A 128 10.17 -21.35 -0.94
N MET A 129 11.06 -22.28 -1.27
CA MET A 129 11.92 -22.12 -2.43
C MET A 129 11.13 -22.52 -3.68
N ASP A 130 10.46 -21.54 -4.27
CA ASP A 130 9.52 -21.78 -5.36
C ASP A 130 10.26 -21.91 -6.70
N VAL A 131 10.98 -23.02 -6.85
CA VAL A 131 11.76 -23.29 -8.03
C VAL A 131 11.23 -24.55 -8.68
N PRO A 132 10.81 -24.46 -9.94
CA PRO A 132 10.13 -25.58 -10.60
C PRO A 132 11.04 -26.80 -10.75
N LEU A 133 10.44 -27.99 -10.75
CA LEU A 133 11.20 -29.22 -10.92
C LEU A 133 12.19 -29.12 -12.07
N SER A 134 11.77 -28.57 -13.21
CA SER A 134 12.64 -28.53 -14.39
C SER A 134 13.95 -27.79 -14.12
N VAL A 135 13.88 -26.70 -13.37
CA VAL A 135 15.08 -25.94 -13.02
C VAL A 135 15.96 -26.68 -12.01
N CYS A 136 15.35 -27.30 -11.00
CA CYS A 136 16.11 -28.07 -10.02
C CYS A 136 16.83 -29.20 -10.73
N GLU A 137 16.13 -29.82 -11.68
CA GLU A 137 16.68 -30.99 -12.37
C GLU A 137 17.79 -30.61 -13.35
N ALA A 138 17.71 -29.40 -13.92
CA ALA A 138 18.80 -28.89 -14.75
C ALA A 138 20.02 -28.57 -13.88
N ARG A 139 19.79 -28.10 -12.67
CA ARG A 139 20.89 -27.90 -11.72
C ARG A 139 21.47 -29.25 -11.31
N ASP A 140 20.63 -30.09 -10.70
CA ASP A 140 21.01 -31.43 -10.29
C ASP A 140 22.47 -31.49 -9.86
N PRO A 141 22.83 -30.71 -8.83
CA PRO A 141 24.22 -30.55 -8.39
C PRO A 141 24.86 -31.87 -7.96
N LYS A 142 24.06 -32.77 -7.39
CA LYS A 142 24.57 -34.01 -6.83
C LYS A 142 24.28 -35.22 -7.72
N GLY A 143 23.64 -34.98 -8.85
CA GLY A 143 23.30 -36.03 -9.79
C GLY A 143 22.17 -36.94 -9.33
N LEU A 144 21.39 -36.47 -8.36
CA LEU A 144 20.34 -37.29 -7.76
C LEU A 144 19.15 -37.49 -8.68
N TYR A 145 18.75 -36.45 -9.40
CA TYR A 145 17.62 -36.58 -10.31
C TYR A 145 17.91 -37.62 -11.39
N LYS A 146 19.11 -37.60 -11.93
CA LYS A 146 19.44 -38.56 -12.99
C LYS A 146 19.42 -40.00 -12.46
N LEU A 147 19.93 -40.18 -11.24
CA LEU A 147 19.90 -41.50 -10.60
C LEU A 147 18.45 -41.92 -10.34
N ALA A 148 17.62 -40.96 -9.92
CA ALA A 148 16.20 -41.22 -9.70
C ALA A 148 15.48 -41.60 -11.01
N ARG A 149 15.72 -40.81 -12.06
CA ARG A 149 15.13 -41.07 -13.37
C ARG A 149 15.53 -42.45 -13.88
N ALA A 150 16.76 -42.84 -13.58
CA ALA A 150 17.29 -44.13 -14.03
C ALA A 150 16.92 -45.29 -13.10
N GLY A 151 16.09 -45.03 -12.10
CA GLY A 151 15.60 -46.06 -11.22
C GLY A 151 16.57 -46.55 -10.15
N LYS A 152 17.72 -45.91 -10.06
CA LYS A 152 18.72 -46.27 -9.04
C LYS A 152 18.30 -45.77 -7.66
N ILE A 153 17.61 -44.64 -7.62
CA ILE A 153 17.03 -44.16 -6.37
C ILE A 153 15.52 -44.22 -6.50
N LYS A 154 14.88 -44.99 -5.64
CA LYS A 154 13.43 -45.14 -5.66
C LYS A 154 12.76 -44.08 -4.79
N GLY A 155 11.54 -43.69 -5.15
CA GLY A 155 10.76 -42.79 -4.32
C GLY A 155 11.36 -41.40 -4.10
N PHE A 156 12.08 -40.90 -5.08
CA PHE A 156 12.70 -39.59 -4.96
C PHE A 156 11.69 -38.45 -5.10
N THR A 157 11.75 -37.49 -4.19
CA THR A 157 10.84 -36.36 -4.18
C THR A 157 10.78 -35.61 -5.52
N GLY A 158 9.58 -35.45 -6.06
CA GLY A 158 9.38 -34.70 -7.29
C GLY A 158 9.36 -35.61 -8.51
N ILE A 159 9.79 -36.86 -8.31
CA ILE A 159 9.86 -37.85 -9.38
C ILE A 159 8.90 -38.99 -9.09
N ASP A 160 9.14 -39.69 -7.97
CA ASP A 160 8.35 -40.86 -7.59
C ASP A 160 7.75 -40.71 -6.19
N ASP A 161 7.79 -39.50 -5.66
CA ASP A 161 7.18 -39.19 -4.36
C ASP A 161 6.73 -37.74 -4.41
N PRO A 162 5.59 -37.44 -3.77
CA PRO A 162 5.05 -36.09 -3.97
C PRO A 162 5.78 -35.00 -3.18
N TYR A 163 5.87 -33.81 -3.76
CA TYR A 163 6.21 -32.63 -3.00
C TYR A 163 4.95 -31.77 -2.91
N GLU A 164 4.56 -31.41 -1.69
CA GLU A 164 3.36 -30.61 -1.47
C GLU A 164 3.73 -29.18 -1.08
N PRO A 165 3.59 -28.23 -2.03
CA PRO A 165 3.98 -26.86 -1.69
C PRO A 165 3.12 -26.24 -0.58
N PRO A 166 3.69 -25.30 0.16
CA PRO A 166 2.93 -24.60 1.19
C PRO A 166 1.79 -23.81 0.56
N LEU A 167 0.66 -23.76 1.24
CA LEU A 167 -0.52 -23.06 0.73
C LEU A 167 -0.56 -21.63 1.23
N ASN A 168 0.14 -21.36 2.32
CA ASN A 168 0.07 -20.03 2.91
C ASN A 168 1.34 -19.64 3.63
N CYS A 169 2.46 -19.68 2.92
CA CYS A 169 3.73 -19.46 3.62
C CYS A 169 3.99 -17.98 3.77
N GLU A 170 4.85 -17.64 4.72
CA GLU A 170 5.17 -16.25 5.03
C GLU A 170 6.03 -15.63 3.92
N ILE A 171 6.91 -16.43 3.34
CA ILE A 171 7.83 -15.93 2.32
C ILE A 171 7.98 -16.94 1.20
N SER A 172 7.84 -16.48 -0.04
CA SER A 172 8.12 -17.32 -1.20
CA SER A 172 8.13 -17.32 -1.20
C SER A 172 9.31 -16.75 -1.97
N LEU A 173 10.28 -17.59 -2.29
CA LEU A 173 11.51 -17.13 -2.95
C LEU A 173 11.78 -17.87 -4.24
N GLY A 174 12.53 -17.22 -5.14
CA GLY A 174 13.11 -17.93 -6.26
C GLY A 174 12.25 -17.96 -7.51
N ARG A 175 11.00 -17.56 -7.38
CA ARG A 175 10.10 -17.48 -8.54
C ARG A 175 10.43 -16.20 -9.29
N GLU A 176 10.94 -16.37 -10.50
CA GLU A 176 11.60 -15.34 -11.28
C GLU A 176 12.96 -15.94 -11.64
N GLY A 177 13.72 -15.26 -12.48
CA GLY A 177 15.04 -15.74 -12.84
C GLY A 177 16.12 -14.88 -12.25
N GLY A 178 17.29 -15.47 -12.05
CA GLY A 178 18.45 -14.74 -11.57
C GLY A 178 18.23 -13.89 -10.33
N THR A 179 17.47 -14.42 -9.37
CA THR A 179 17.45 -13.78 -8.06
C THR A 179 18.52 -14.47 -7.20
N SER A 180 19.47 -13.68 -6.75
CA SER A 180 20.68 -14.23 -6.15
C SER A 180 20.41 -14.67 -4.71
N PRO A 181 21.23 -15.60 -4.20
CA PRO A 181 21.07 -15.98 -2.80
C PRO A 181 21.17 -14.77 -1.88
N ILE A 182 22.07 -13.83 -2.18
CA ILE A 182 22.20 -12.65 -1.34
C ILE A 182 20.94 -11.79 -1.39
N GLU A 183 20.39 -11.58 -2.57
CA GLU A 183 19.18 -10.78 -2.65
C GLU A 183 18.06 -11.49 -1.91
N MET A 184 18.00 -12.81 -2.05
CA MET A 184 16.95 -13.55 -1.34
C MET A 184 17.11 -13.46 0.19
N ALA A 185 18.34 -13.56 0.68
CA ALA A 185 18.57 -13.40 2.11
C ALA A 185 18.18 -12.00 2.56
N GLU A 186 18.42 -11.01 1.71
CA GLU A 186 18.06 -9.64 2.06
C GLU A 186 16.55 -9.54 2.29
N LYS A 187 15.77 -10.23 1.46
CA LYS A 187 14.32 -10.20 1.57
C LYS A 187 13.87 -10.85 2.88
N VAL A 188 14.50 -11.97 3.25
CA VAL A 188 14.20 -12.61 4.51
C VAL A 188 14.62 -11.74 5.68
N VAL A 189 15.79 -11.12 5.59
CA VAL A 189 16.25 -10.31 6.73
C VAL A 189 15.35 -9.10 6.90
N GLY A 190 14.97 -8.47 5.79
CA GLY A 190 14.05 -7.34 5.85
C GLY A 190 12.75 -7.73 6.50
N TYR A 191 12.25 -8.91 6.18
CA TYR A 191 11.01 -9.40 6.78
C TYR A 191 11.19 -9.60 8.29
N LEU A 192 12.27 -10.25 8.68
CA LEU A 192 12.53 -10.50 10.11
C LEU A 192 12.68 -9.17 10.84
N ASP A 193 13.40 -8.24 10.21
CA ASP A 193 13.63 -6.95 10.84
C ASP A 193 12.30 -6.23 11.09
N ASN A 194 11.48 -6.15 10.05
CA ASN A 194 10.17 -5.51 10.18
C ASN A 194 9.26 -6.17 11.20
N LYS A 195 9.29 -7.50 11.29
CA LYS A 195 8.46 -8.23 12.25
C LYS A 195 9.01 -8.15 13.68
N GLY A 196 10.20 -7.56 13.84
CA GLY A 196 10.74 -7.27 15.16
C GLY A 196 11.58 -8.40 15.76
N TYR A 197 11.98 -9.36 14.95
CA TYR A 197 12.76 -10.51 15.43
C TYR A 197 14.24 -10.22 15.66
N LEU A 198 14.71 -9.05 15.21
CA LEU A 198 16.13 -8.73 15.30
C LEU A 198 16.46 -7.79 16.45
N GLN A 199 15.54 -7.71 17.42
CA GLN A 199 15.80 -6.97 18.64
C GLN A 199 15.02 -7.65 19.75
N ALA A 200 15.50 -7.53 20.98
CA ALA A 200 14.78 -8.09 22.12
C ALA A 200 13.41 -7.43 22.23
N ASN B 4 -26.36 2.72 -10.60
CA ASN B 4 -26.21 2.20 -11.96
C ASN B 4 -24.90 2.68 -12.59
N ILE B 5 -23.79 2.45 -11.89
CA ILE B 5 -22.48 2.90 -12.34
C ILE B 5 -21.69 1.74 -12.94
N LYS B 6 -20.61 2.06 -13.65
CA LYS B 6 -19.74 1.05 -14.20
C LYS B 6 -18.29 1.54 -14.14
N TRP B 7 -17.41 0.69 -13.63
CA TRP B 7 -16.00 1.03 -13.51
C TRP B 7 -15.39 1.23 -14.89
N HIS B 8 -14.57 2.27 -15.04
CA HIS B 8 -13.88 2.51 -16.31
C HIS B 8 -12.38 2.38 -16.13
N GLU B 9 -11.78 1.44 -16.85
CA GLU B 9 -10.34 1.18 -16.72
C GLU B 9 -9.54 1.76 -17.87
N CYS B 10 -8.40 2.34 -17.54
N CYS B 10 -8.39 2.33 -17.54
CA CYS B 10 -7.47 2.84 -18.55
CA CYS B 10 -7.48 2.85 -18.56
C CYS B 10 -6.29 1.89 -18.68
C CYS B 10 -6.23 1.98 -18.62
N SER B 11 -5.50 2.05 -19.74
CA SER B 11 -4.34 1.21 -19.97
C SER B 11 -3.15 1.52 -19.06
N VAL B 12 -3.08 2.75 -18.55
CA VAL B 12 -1.98 3.09 -17.63
C VAL B 12 -2.28 2.58 -16.22
N GLU B 13 -1.47 1.62 -15.77
CA GLU B 13 -1.72 0.91 -14.51
C GLU B 13 -0.89 1.47 -13.36
N LYS B 14 -1.25 1.08 -12.14
CA LYS B 14 -0.44 1.40 -10.96
C LYS B 14 1.03 1.05 -11.16
N VAL B 15 1.32 -0.13 -11.71
CA VAL B 15 2.72 -0.51 -11.92
C VAL B 15 3.45 0.44 -12.87
N ASP B 16 2.73 1.01 -13.82
CA ASP B 16 3.34 1.94 -14.77
C ASP B 16 3.70 3.25 -14.06
N ARG B 17 2.80 3.73 -13.22
CA ARG B 17 3.08 4.92 -12.42
C ARG B 17 4.26 4.68 -11.47
N GLN B 18 4.29 3.49 -10.88
CA GLN B 18 5.39 3.15 -9.98
C GLN B 18 6.73 3.09 -10.71
N ARG B 19 6.72 2.53 -11.92
CA ARG B 19 7.87 2.45 -12.79
C ARG B 19 8.43 3.85 -13.06
N LEU B 20 7.51 4.77 -13.32
CA LEU B 20 7.86 6.16 -13.59
C LEU B 20 8.49 6.86 -12.38
N LEU B 21 7.95 6.62 -11.19
CA LEU B 21 8.44 7.26 -9.97
C LEU B 21 9.59 6.48 -9.32
N ASP B 22 9.80 5.24 -9.77
CA ASP B 22 10.71 4.30 -9.11
C ASP B 22 10.45 4.16 -7.60
N GLN B 23 9.21 3.84 -7.26
CA GLN B 23 8.81 3.60 -5.89
C GLN B 23 7.49 2.86 -5.93
N LYS B 24 7.06 2.36 -4.79
CA LYS B 24 5.76 1.69 -4.67
C LYS B 24 4.81 2.52 -3.82
N GLY B 25 3.59 2.69 -4.30
CA GLY B 25 2.59 3.44 -3.57
C GLY B 25 2.12 2.73 -2.33
N CYS B 26 1.76 3.49 -1.31
CA CYS B 26 1.34 2.89 -0.06
C CYS B 26 0.76 3.95 0.84
N VAL B 27 0.12 3.51 1.91
CA VAL B 27 -0.46 4.42 2.90
C VAL B 27 0.31 4.28 4.21
N ILE B 28 0.87 5.38 4.70
CA ILE B 28 1.49 5.38 6.03
C ILE B 28 0.48 6.06 6.92
N TRP B 29 -0.19 5.28 7.76
CA TRP B 29 -1.28 5.80 8.58
C TRP B 29 -0.81 6.14 9.98
N VAL B 30 -0.62 7.43 10.24
CA VAL B 30 -0.05 7.87 11.51
C VAL B 30 -1.16 8.29 12.47
N THR B 31 -1.29 7.55 13.57
CA THR B 31 -2.39 7.78 14.50
C THR B 31 -1.83 8.05 15.91
N GLY B 32 -2.56 8.83 16.70
CA GLY B 32 -2.14 9.16 18.06
C GLY B 32 -2.86 10.38 18.61
N LEU B 33 -2.74 10.58 19.92
CA LEU B 33 -3.36 11.73 20.60
C LEU B 33 -2.92 13.05 20.01
N SER B 34 -3.73 14.09 20.21
CA SER B 34 -3.31 15.43 19.84
C SER B 34 -2.03 15.74 20.61
N GLY B 35 -1.04 16.29 19.89
CA GLY B 35 0.24 16.62 20.48
C GLY B 35 1.24 15.47 20.59
N SER B 36 0.88 14.31 20.03
CA SER B 36 1.76 13.14 20.12
C SER B 36 2.89 13.14 19.08
N GLY B 37 2.87 14.12 18.17
CA GLY B 37 3.95 14.30 17.21
C GLY B 37 3.70 13.79 15.81
N LYS B 38 2.44 13.52 15.47
CA LYS B 38 2.08 12.99 14.15
C LYS B 38 2.57 13.87 12.99
N SER B 39 2.24 15.17 13.04
CA SER B 39 2.58 16.04 11.91
C SER B 39 4.08 16.19 11.79
N THR B 40 4.74 16.29 12.94
CA THR B 40 6.18 16.48 12.97
C THR B 40 6.88 15.27 12.36
N LEU B 41 6.37 14.09 12.67
CA LEU B 41 6.90 12.86 12.06
C LEU B 41 6.66 12.85 10.55
N ALA B 42 5.43 13.19 10.17
CA ALA B 42 5.06 13.20 8.74
C ALA B 42 5.99 14.12 7.97
N CYS B 43 6.24 15.30 8.53
CA CYS B 43 7.11 16.28 7.88
CA CYS B 43 7.13 16.30 7.91
C CYS B 43 8.55 15.76 7.75
N ALA B 44 9.08 15.20 8.84
CA ALA B 44 10.44 14.66 8.79
C ALA B 44 10.53 13.50 7.80
N LEU B 45 9.51 12.63 7.81
CA LEU B 45 9.47 11.49 6.89
C LEU B 45 9.43 11.94 5.43
N ASN B 46 8.57 12.92 5.15
CA ASN B 46 8.47 13.48 3.80
C ASN B 46 9.82 14.07 3.34
N GLN B 47 10.44 14.87 4.20
CA GLN B 47 11.73 15.47 3.86
C GLN B 47 12.77 14.38 3.57
N MET B 48 12.80 13.36 4.43
CA MET B 48 13.75 12.27 4.24
C MET B 48 13.53 11.56 2.91
N LEU B 49 12.27 11.24 2.62
CA LEU B 49 11.92 10.53 1.39
C LEU B 49 12.18 11.40 0.16
N TYR B 50 11.83 12.69 0.25
CA TYR B 50 12.08 13.61 -0.86
C TYR B 50 13.58 13.67 -1.22
N GLN B 51 14.43 13.74 -0.19
CA GLN B 51 15.87 13.80 -0.44
C GLN B 51 16.36 12.54 -1.14
N LYS B 52 15.63 11.44 -0.98
CA LYS B 52 15.97 10.20 -1.68
C LYS B 52 15.30 10.12 -3.06
N GLY B 53 14.61 11.18 -3.47
CA GLY B 53 13.97 11.19 -4.77
C GLY B 53 12.62 10.49 -4.82
N LYS B 54 12.01 10.29 -3.66
CA LYS B 54 10.72 9.61 -3.59
C LYS B 54 9.57 10.60 -3.37
N LEU B 55 8.46 10.36 -4.05
CA LEU B 55 7.33 11.29 -4.01
C LEU B 55 6.35 10.91 -2.90
N CYS B 56 6.15 11.85 -1.98
CA CYS B 56 5.27 11.65 -0.84
CA CYS B 56 5.30 11.64 -0.84
C CYS B 56 4.22 12.73 -0.81
N TYR B 57 3.08 12.45 -0.20
CA TYR B 57 2.08 13.49 0.00
C TYR B 57 1.39 13.30 1.34
N ILE B 58 1.30 14.38 2.13
CA ILE B 58 0.72 14.29 3.47
C ILE B 58 -0.73 14.71 3.48
N LEU B 59 -1.59 13.80 3.95
CA LEU B 59 -2.98 14.11 4.25
C LEU B 59 -3.09 14.36 5.73
N ASP B 60 -3.10 15.64 6.11
CA ASP B 60 -3.15 16.01 7.53
C ASP B 60 -4.58 16.35 7.94
N GLY B 61 -4.99 15.82 9.08
CA GLY B 61 -6.34 15.97 9.57
C GLY B 61 -6.74 17.43 9.61
N ASP B 62 -5.83 18.28 10.08
CA ASP B 62 -6.13 19.70 10.18
C ASP B 62 -6.43 20.28 8.80
N ASN B 63 -5.49 20.11 7.86
CA ASN B 63 -5.66 20.61 6.50
C ASN B 63 -6.91 20.07 5.81
N VAL B 64 -7.06 18.75 5.80
CA VAL B 64 -8.20 18.09 5.15
C VAL B 64 -9.54 18.61 5.71
N ARG B 65 -9.55 18.89 7.00
CA ARG B 65 -10.77 19.38 7.65
C ARG B 65 -11.13 20.80 7.24
N HIS B 66 -10.21 21.49 6.56
CA HIS B 66 -10.53 22.82 6.04
C HIS B 66 -10.89 22.77 4.55
N GLY B 67 -10.89 21.59 3.94
CA GLY B 67 -11.19 21.46 2.53
C GLY B 67 -12.20 20.37 2.24
N LEU B 68 -11.71 19.20 1.84
CA LEU B 68 -12.59 18.06 1.60
C LEU B 68 -13.55 17.82 2.76
N ASN B 69 -13.04 17.90 4.00
CA ASN B 69 -13.84 17.59 5.18
C ASN B 69 -14.28 18.83 5.98
N ARG B 70 -14.38 19.96 5.29
CA ARG B 70 -14.84 21.19 5.93
C ARG B 70 -16.25 21.07 6.49
N ASP B 71 -16.99 20.07 6.03
CA ASP B 71 -18.37 19.85 6.47
C ASP B 71 -18.51 18.99 7.74
N LEU B 72 -17.40 18.47 8.26
CA LEU B 72 -17.46 17.53 9.38
C LEU B 72 -17.07 18.14 10.72
N SER B 73 -17.77 17.74 11.78
CA SER B 73 -17.47 18.20 13.13
C SER B 73 -16.66 17.14 13.85
N PHE B 74 -16.76 17.13 15.18
CA PHE B 74 -16.01 16.15 15.96
C PHE B 74 -16.90 15.16 16.69
N LYS B 75 -18.20 15.18 16.39
CA LYS B 75 -19.07 14.12 16.88
C LYS B 75 -18.51 12.79 16.41
N ALA B 76 -18.81 11.73 17.14
CA ALA B 76 -18.24 10.42 16.82
C ALA B 76 -18.50 9.99 15.37
N GLU B 77 -19.72 10.23 14.89
CA GLU B 77 -20.08 9.87 13.52
C GLU B 77 -19.28 10.64 12.47
N ASP B 78 -19.01 11.91 12.78
CA ASP B 78 -18.28 12.76 11.85
C ASP B 78 -16.79 12.41 11.85
N ARG B 79 -16.26 12.03 13.01
CA ARG B 79 -14.90 11.52 13.07
C ARG B 79 -14.78 10.25 12.26
N ALA B 80 -15.82 9.41 12.34
CA ALA B 80 -15.82 8.17 11.57
C ALA B 80 -15.77 8.49 10.08
N GLU B 81 -16.57 9.47 9.66
CA GLU B 81 -16.64 9.87 8.26
C GLU B 81 -15.34 10.55 7.82
N ASN B 82 -14.76 11.34 8.72
CA ASN B 82 -13.47 11.95 8.47
C ASN B 82 -12.43 10.87 8.10
N ILE B 83 -12.33 9.87 8.96
CA ILE B 83 -11.41 8.74 8.77
C ILE B 83 -11.72 7.97 7.48
N ARG B 84 -12.99 7.67 7.27
CA ARG B 84 -13.39 6.95 6.06
C ARG B 84 -12.95 7.67 4.79
N ARG B 85 -13.25 8.96 4.68
CA ARG B 85 -12.91 9.69 3.46
C ARG B 85 -11.40 9.79 3.30
N VAL B 86 -10.68 10.05 4.39
CA VAL B 86 -9.23 10.12 4.30
C VAL B 86 -8.66 8.79 3.86
N GLY B 87 -9.22 7.70 4.36
CA GLY B 87 -8.77 6.37 3.96
C GLY B 87 -9.02 6.12 2.48
N GLU B 88 -10.17 6.56 1.98
CA GLU B 88 -10.44 6.38 0.55
C GLU B 88 -9.50 7.23 -0.31
N VAL B 89 -9.22 8.44 0.13
CA VAL B 89 -8.32 9.33 -0.61
C VAL B 89 -6.88 8.81 -0.57
N ALA B 90 -6.44 8.34 0.60
CA ALA B 90 -5.10 7.79 0.73
C ALA B 90 -4.93 6.61 -0.22
N LYS B 91 -5.99 5.82 -0.34
CA LYS B 91 -5.98 4.69 -1.26
C LYS B 91 -5.80 5.15 -2.71
N LEU B 92 -6.41 6.28 -3.06
CA LEU B 92 -6.24 6.82 -4.39
C LEU B 92 -4.79 7.27 -4.60
N PHE B 93 -4.22 7.97 -3.61
CA PHE B 93 -2.82 8.35 -3.72
C PHE B 93 -1.88 7.13 -3.86
N ALA B 94 -2.14 6.08 -3.10
CA ALA B 94 -1.31 4.88 -3.18
C ALA B 94 -1.45 4.22 -4.57
N ASP B 95 -2.67 4.26 -5.11
CA ASP B 95 -2.88 3.73 -6.47
C ASP B 95 -2.15 4.58 -7.51
N ALA B 96 -1.91 5.84 -7.18
CA ALA B 96 -1.21 6.73 -8.07
C ALA B 96 0.30 6.52 -7.97
N GLY B 97 0.71 5.68 -7.03
CA GLY B 97 2.11 5.34 -6.85
C GLY B 97 2.79 6.16 -5.78
N ILE B 98 2.02 7.02 -5.13
CA ILE B 98 2.57 7.93 -4.13
C ILE B 98 2.65 7.28 -2.75
N ILE B 99 3.67 7.67 -1.98
CA ILE B 99 3.76 7.31 -0.58
C ILE B 99 2.88 8.30 0.19
N CYS B 100 1.69 7.86 0.55
CA CYS B 100 0.73 8.78 1.15
C CYS B 100 0.79 8.68 2.65
N ILE B 101 1.06 9.79 3.32
CA ILE B 101 1.16 9.79 4.77
C ILE B 101 -0.09 10.46 5.33
N ALA B 102 -0.94 9.69 6.01
CA ALA B 102 -2.12 10.26 6.64
C ALA B 102 -1.77 10.52 8.10
N SER B 103 -2.01 11.76 8.53
N SER B 103 -1.96 11.75 8.54
CA SER B 103 -1.69 12.19 9.88
CA SER B 103 -1.67 12.09 9.93
C SER B 103 -2.96 12.73 10.54
C SER B 103 -2.90 12.71 10.58
N LEU B 104 -3.71 11.83 11.17
CA LEU B 104 -4.97 12.21 11.82
C LEU B 104 -5.02 11.53 13.16
N ILE B 105 -5.69 12.15 14.13
CA ILE B 105 -5.83 11.49 15.43
C ILE B 105 -6.42 10.09 15.24
N SER B 106 -7.45 10.00 14.39
CA SER B 106 -8.10 8.73 14.04
C SER B 106 -8.20 7.83 15.26
N PRO B 107 -9.04 8.23 16.23
CA PRO B 107 -9.05 7.60 17.54
C PRO B 107 -9.78 6.26 17.59
N TYR B 108 -10.61 5.97 16.60
CA TYR B 108 -11.45 4.77 16.67
C TYR B 108 -10.84 3.61 15.92
N ARG B 109 -10.69 2.50 16.61
CA ARG B 109 -10.00 1.33 16.10
C ARG B 109 -10.73 0.75 14.90
N THR B 110 -12.05 0.64 15.02
CA THR B 110 -12.85 0.06 13.95
CA THR B 110 -12.87 0.08 13.94
C THR B 110 -12.71 0.86 12.65
N ASP B 111 -12.62 2.18 12.75
CA ASP B 111 -12.50 3.03 11.58
C ASP B 111 -11.13 2.93 10.91
N ARG B 112 -10.06 2.87 11.71
CA ARG B 112 -8.72 2.64 11.17
C ARG B 112 -8.64 1.27 10.49
N ASP B 113 -9.20 0.26 11.14
CA ASP B 113 -9.22 -1.09 10.56
C ASP B 113 -9.95 -1.11 9.22
N ALA B 114 -11.00 -0.31 9.10
CA ALA B 114 -11.75 -0.20 7.85
C ALA B 114 -10.88 0.39 6.74
N CYS B 115 -10.08 1.41 7.08
CA CYS B 115 -9.13 1.97 6.13
C CYS B 115 -8.10 0.93 5.67
N ARG B 116 -7.59 0.15 6.61
CA ARG B 116 -6.65 -0.92 6.28
C ARG B 116 -7.30 -1.88 5.29
N SER B 117 -8.57 -2.22 5.52
CA SER B 117 -9.25 -3.18 4.66
C SER B 117 -9.43 -2.69 3.22
N LEU B 118 -9.36 -1.39 3.00
CA LEU B 118 -9.49 -0.84 1.67
C LEU B 118 -8.28 -1.15 0.79
N LEU B 119 -7.15 -1.48 1.41
CA LEU B 119 -5.91 -1.64 0.68
C LEU B 119 -5.47 -3.11 0.57
N PRO B 120 -4.72 -3.43 -0.49
CA PRO B 120 -4.12 -4.77 -0.59
C PRO B 120 -3.22 -4.99 0.60
N GLU B 121 -3.05 -6.24 1.01
CA GLU B 121 -2.14 -6.53 2.11
C GLU B 121 -0.76 -6.00 1.76
N GLY B 122 -0.13 -5.35 2.73
CA GLY B 122 1.20 -4.81 2.55
C GLY B 122 1.22 -3.35 2.14
N ASP B 123 0.06 -2.82 1.78
CA ASP B 123 0.01 -1.44 1.30
C ASP B 123 -0.40 -0.44 2.39
N PHE B 124 -0.68 -0.94 3.60
CA PHE B 124 -1.14 -0.09 4.70
C PHE B 124 -0.21 -0.26 5.87
N VAL B 125 0.54 0.80 6.21
CA VAL B 125 1.49 0.75 7.32
C VAL B 125 0.99 1.61 8.47
N GLU B 126 0.46 0.97 9.50
CA GLU B 126 -0.16 1.72 10.61
C GLU B 126 0.93 2.10 11.61
N VAL B 127 1.01 3.39 11.91
CA VAL B 127 2.11 3.93 12.71
C VAL B 127 1.54 4.62 13.94
N PHE B 128 1.84 4.07 15.11
CA PHE B 128 1.29 4.57 16.37
C PHE B 128 2.30 5.46 17.05
N MET B 129 1.94 6.73 17.21
CA MET B 129 2.72 7.62 18.06
C MET B 129 2.37 7.30 19.50
N ASP B 130 3.14 6.38 20.06
CA ASP B 130 2.96 5.84 21.41
C ASP B 130 3.49 6.84 22.44
N VAL B 131 2.81 7.98 22.55
CA VAL B 131 3.21 9.07 23.43
C VAL B 131 2.08 9.33 24.40
N PRO B 132 2.34 9.15 25.69
CA PRO B 132 1.25 9.19 26.68
C PRO B 132 0.61 10.56 26.79
N LEU B 133 -0.64 10.57 27.25
CA LEU B 133 -1.39 11.80 27.51
C LEU B 133 -0.60 12.82 28.33
N SER B 134 0.05 12.39 29.41
CA SER B 134 0.77 13.35 30.26
C SER B 134 1.79 14.14 29.45
N VAL B 135 2.46 13.48 28.53
CA VAL B 135 3.43 14.14 27.66
C VAL B 135 2.74 15.05 26.63
N CYS B 136 1.69 14.57 25.97
CA CYS B 136 0.98 15.42 25.03
C CYS B 136 0.42 16.65 25.71
N GLU B 137 -0.14 16.45 26.88
CA GLU B 137 -0.79 17.53 27.60
C GLU B 137 0.26 18.50 28.16
N ALA B 138 1.44 17.98 28.48
CA ALA B 138 2.51 18.84 28.95
C ALA B 138 3.00 19.70 27.78
N ARG B 139 2.98 19.14 26.58
CA ARG B 139 3.33 19.90 25.38
C ARG B 139 2.25 20.93 25.07
N ASP B 140 1.01 20.46 24.92
CA ASP B 140 -0.15 21.32 24.64
C ASP B 140 0.19 22.52 23.75
N PRO B 141 0.79 22.26 22.58
CA PRO B 141 1.27 23.32 21.69
C PRO B 141 0.17 24.31 21.25
N LYS B 142 -1.07 23.85 21.12
CA LYS B 142 -2.15 24.72 20.66
C LYS B 142 -3.07 25.18 21.79
N GLY B 143 -2.77 24.75 23.01
CA GLY B 143 -3.57 25.12 24.17
C GLY B 143 -4.90 24.40 24.25
N LEU B 144 -5.06 23.36 23.45
CA LEU B 144 -6.32 22.63 23.39
C LEU B 144 -6.62 21.83 24.65
N TYR B 145 -5.58 21.28 25.28
CA TYR B 145 -5.77 20.49 26.49
C TYR B 145 -6.23 21.39 27.63
N LYS B 146 -5.60 22.55 27.75
CA LYS B 146 -6.04 23.55 28.72
C LYS B 146 -7.50 23.92 28.52
N LEU B 147 -7.90 24.10 27.26
CA LEU B 147 -9.28 24.46 26.94
C LEU B 147 -10.24 23.31 27.26
N ALA B 148 -9.83 22.09 26.93
CA ALA B 148 -10.62 20.90 27.23
C ALA B 148 -10.82 20.74 28.74
N ARG B 149 -9.71 20.84 29.48
CA ARG B 149 -9.76 20.70 30.93
C ARG B 149 -10.67 21.77 31.55
N ALA B 150 -10.67 22.96 30.95
CA ALA B 150 -11.48 24.06 31.45
C ALA B 150 -12.96 23.97 31.03
N GLY B 151 -13.30 22.95 30.24
CA GLY B 151 -14.66 22.74 29.80
C GLY B 151 -15.07 23.52 28.55
N LYS B 152 -14.11 24.17 27.91
CA LYS B 152 -14.39 24.99 26.73
C LYS B 152 -14.53 24.15 25.47
N ILE B 153 -13.83 23.02 25.43
CA ILE B 153 -13.97 22.08 24.35
C ILE B 153 -14.51 20.79 24.93
N LYS B 154 -15.69 20.39 24.50
CA LYS B 154 -16.26 19.13 24.99
C LYS B 154 -15.87 17.99 24.07
N GLY B 155 -15.85 16.78 24.62
CA GLY B 155 -15.51 15.59 23.84
C GLY B 155 -14.12 15.57 23.23
N PHE B 156 -13.13 16.16 23.90
CA PHE B 156 -11.77 16.19 23.37
C PHE B 156 -11.08 14.85 23.57
N THR B 157 -10.51 14.32 22.50
CA THR B 157 -9.83 13.03 22.53
C THR B 157 -8.81 12.92 23.66
N GLY B 158 -8.96 11.88 24.48
CA GLY B 158 -8.02 11.61 25.56
C GLY B 158 -8.47 12.22 26.87
N ILE B 159 -9.41 13.17 26.78
CA ILE B 159 -9.95 13.79 28.00
C ILE B 159 -11.40 13.36 28.20
N ASP B 160 -12.25 13.67 27.23
CA ASP B 160 -13.67 13.36 27.31
C ASP B 160 -14.18 12.48 26.16
N ASP B 161 -13.26 11.83 25.46
CA ASP B 161 -13.63 10.94 24.35
C ASP B 161 -12.48 9.97 24.18
N PRO B 162 -12.79 8.71 23.84
CA PRO B 162 -11.74 7.69 23.90
C PRO B 162 -10.72 7.79 22.78
N TYR B 163 -9.48 7.40 23.08
CA TYR B 163 -8.51 7.11 22.05
C TYR B 163 -8.21 5.61 22.16
N GLU B 164 -8.49 4.88 21.09
CA GLU B 164 -8.28 3.44 21.08
C GLU B 164 -7.00 3.09 20.31
N PRO B 165 -5.92 2.76 21.02
CA PRO B 165 -4.64 2.52 20.33
C PRO B 165 -4.68 1.27 19.48
N PRO B 166 -3.84 1.22 18.44
CA PRO B 166 -3.73 0.06 17.55
C PRO B 166 -3.27 -1.16 18.35
N LEU B 167 -3.84 -2.32 18.03
CA LEU B 167 -3.47 -3.55 18.72
C LEU B 167 -2.38 -4.29 17.94
N ASN B 168 -2.25 -3.99 16.65
CA ASN B 168 -1.33 -4.72 15.80
C ASN B 168 -0.65 -3.82 14.77
N CYS B 169 -0.19 -2.65 15.21
CA CYS B 169 0.38 -1.69 14.26
C CYS B 169 1.71 -2.19 13.73
N GLU B 170 2.10 -1.71 12.55
CA GLU B 170 3.33 -2.13 11.92
C GLU B 170 4.50 -1.46 12.63
N ILE B 171 4.30 -0.23 13.08
CA ILE B 171 5.37 0.54 13.69
C ILE B 171 4.89 1.35 14.88
N SER B 172 5.56 1.20 16.01
N SER B 172 5.58 1.24 16.01
CA SER B 172 5.28 2.01 17.19
CA SER B 172 5.27 2.00 17.21
C SER B 172 6.45 2.95 17.42
C SER B 172 6.44 2.94 17.53
N LEU B 173 6.15 4.22 17.68
CA LEU B 173 7.19 5.23 17.83
C LEU B 173 6.98 6.11 19.05
N GLY B 174 8.06 6.72 19.49
CA GLY B 174 7.97 7.77 20.51
C GLY B 174 8.20 7.32 21.93
N ARG B 175 8.45 6.02 22.11
CA ARG B 175 8.73 5.49 23.44
C ARG B 175 10.07 4.79 23.49
N GLU B 176 10.27 3.82 22.61
CA GLU B 176 11.50 3.04 22.54
C GLU B 176 12.44 3.58 21.46
N GLY B 177 13.75 3.52 21.73
CA GLY B 177 14.74 3.92 20.74
C GLY B 177 14.85 5.42 20.52
N GLY B 178 15.30 5.80 19.33
CA GLY B 178 15.47 7.20 18.99
C GLY B 178 14.14 7.93 18.96
N THR B 179 14.08 9.05 19.69
CA THR B 179 12.83 9.74 19.93
C THR B 179 12.68 11.00 19.10
N SER B 180 13.76 11.47 18.49
CA SER B 180 13.71 12.68 17.68
C SER B 180 12.94 12.44 16.39
N PRO B 181 12.44 13.51 15.77
CA PRO B 181 11.71 13.36 14.50
C PRO B 181 12.55 12.68 13.42
N ILE B 182 13.82 13.07 13.29
CA ILE B 182 14.68 12.49 12.27
C ILE B 182 14.91 11.00 12.53
N GLU B 183 15.26 10.68 13.77
CA GLU B 183 15.47 9.29 14.16
C GLU B 183 14.22 8.45 13.86
N MET B 184 13.05 8.98 14.18
CA MET B 184 11.83 8.23 13.94
C MET B 184 11.54 8.07 12.45
N ALA B 185 11.73 9.14 11.68
CA ALA B 185 11.56 9.06 10.23
C ALA B 185 12.50 8.00 9.64
N GLU B 186 13.72 7.91 10.15
CA GLU B 186 14.65 6.91 9.65
C GLU B 186 14.10 5.51 9.84
N LYS B 187 13.44 5.29 10.97
CA LYS B 187 12.83 4.01 11.28
C LYS B 187 11.75 3.64 10.26
N VAL B 188 10.88 4.60 9.96
CA VAL B 188 9.83 4.37 8.97
C VAL B 188 10.43 4.17 7.58
N VAL B 189 11.44 4.98 7.24
CA VAL B 189 12.09 4.80 5.93
C VAL B 189 12.72 3.42 5.82
N GLY B 190 13.35 2.97 6.89
CA GLY B 190 13.96 1.65 6.91
C GLY B 190 12.93 0.54 6.75
N TYR B 191 11.79 0.70 7.40
CA TYR B 191 10.66 -0.21 7.28
C TYR B 191 10.20 -0.35 5.82
N LEU B 192 10.03 0.78 5.14
CA LEU B 192 9.63 0.75 3.73
C LEU B 192 10.72 0.10 2.88
N ASP B 193 11.97 0.46 3.16
CA ASP B 193 13.08 -0.09 2.40
C ASP B 193 13.12 -1.61 2.56
N ASN B 194 12.86 -2.08 3.79
CA ASN B 194 12.84 -3.51 4.09
C ASN B 194 11.78 -4.27 3.32
N LYS B 195 10.74 -3.56 2.89
CA LYS B 195 9.67 -4.13 2.07
C LYS B 195 9.97 -4.03 0.58
N GLY B 196 11.03 -3.28 0.25
CA GLY B 196 11.37 -3.02 -1.13
C GLY B 196 10.45 -1.98 -1.77
N TYR B 197 9.77 -1.19 -0.93
CA TYR B 197 8.83 -0.18 -1.43
C TYR B 197 9.47 1.11 -1.94
N LEU B 198 10.77 1.26 -1.76
CA LEU B 198 11.46 2.46 -2.25
C LEU B 198 12.07 2.27 -3.64
N GLN B 199 11.71 1.18 -4.29
CA GLN B 199 12.03 0.97 -5.71
C GLN B 199 10.82 0.32 -6.41
N ALA B 200 10.59 0.64 -7.68
CA ALA B 200 9.50 -0.02 -8.38
C ALA B 200 9.76 -1.51 -8.48
N CYS C 10 4.61 22.22 6.07
CA CYS C 10 5.76 21.32 6.07
C CYS C 10 6.85 21.79 5.10
N SER C 11 8.02 21.18 5.22
CA SER C 11 9.21 21.61 4.49
C SER C 11 9.19 21.31 2.99
N VAL C 12 8.55 20.22 2.60
CA VAL C 12 8.47 19.86 1.18
C VAL C 12 7.21 20.45 0.56
N GLU C 13 7.41 21.40 -0.36
CA GLU C 13 6.28 22.12 -0.92
C GLU C 13 5.97 21.75 -2.38
N LYS C 14 4.94 22.37 -2.93
CA LYS C 14 4.50 22.06 -4.29
C LYS C 14 5.61 22.25 -5.32
N VAL C 15 6.33 23.37 -5.21
CA VAL C 15 7.44 23.62 -6.12
C VAL C 15 8.46 22.49 -6.09
N ASP C 16 8.69 21.94 -4.91
CA ASP C 16 9.63 20.84 -4.76
C ASP C 16 9.15 19.59 -5.49
N ARG C 17 7.88 19.24 -5.29
CA ARG C 17 7.31 18.07 -5.95
C ARG C 17 7.31 18.25 -7.46
N GLN C 18 7.09 19.48 -7.92
CA GLN C 18 7.10 19.75 -9.35
C GLN C 18 8.49 19.64 -9.95
N ARG C 19 9.51 20.00 -9.17
CA ARG C 19 10.88 19.85 -9.61
C ARG C 19 11.20 18.37 -9.75
N LEU C 20 10.71 17.58 -8.81
CA LEU C 20 10.96 16.14 -8.82
C LEU C 20 10.32 15.50 -10.06
N LEU C 21 9.12 15.98 -10.42
CA LEU C 21 8.36 15.38 -11.50
C LEU C 21 8.57 16.04 -12.86
N ASP C 22 9.20 17.22 -12.88
CA ASP C 22 9.34 18.03 -14.08
C ASP C 22 8.00 18.28 -14.79
N GLN C 23 7.03 18.76 -14.02
CA GLN C 23 5.71 19.13 -14.53
C GLN C 23 5.05 20.00 -13.47
N LYS C 24 3.91 20.59 -13.81
CA LYS C 24 3.19 21.38 -12.83
C LYS C 24 1.85 20.73 -12.53
N GLY C 25 1.48 20.70 -11.25
CA GLY C 25 0.21 20.12 -10.85
C GLY C 25 -0.94 20.96 -11.38
N CYS C 26 -2.02 20.30 -11.77
CA CYS C 26 -3.18 21.02 -12.28
C CYS C 26 -4.38 20.09 -12.30
N VAL C 27 -5.54 20.68 -12.53
CA VAL C 27 -6.77 19.92 -12.65
C VAL C 27 -7.36 20.07 -14.06
N ILE C 28 -7.51 18.94 -14.75
CA ILE C 28 -8.17 18.91 -16.05
CA ILE C 28 -8.18 18.92 -16.04
C ILE C 28 -9.59 18.41 -15.82
N TRP C 29 -10.55 19.32 -15.84
CA TRP C 29 -11.93 18.96 -15.50
C TRP C 29 -12.76 18.68 -16.74
N VAL C 30 -13.00 17.40 -16.98
CA VAL C 30 -13.72 16.97 -18.15
C VAL C 30 -15.19 16.75 -17.83
N THR C 31 -16.06 17.55 -18.45
CA THR C 31 -17.49 17.47 -18.19
C THR C 31 -18.27 17.24 -19.49
N GLY C 32 -19.45 16.66 -19.35
CA GLY C 32 -20.28 16.40 -20.51
C GLY C 32 -21.30 15.31 -20.22
N LEU C 33 -22.29 15.21 -21.10
CA LEU C 33 -23.35 14.22 -20.96
C LEU C 33 -22.79 12.81 -20.86
N SER C 34 -23.57 11.92 -20.26
CA SER C 34 -23.27 10.49 -20.30
C SER C 34 -23.14 10.04 -21.75
N GLY C 35 -22.00 9.43 -22.08
CA GLY C 35 -21.77 8.94 -23.43
C GLY C 35 -21.04 9.92 -24.32
N SER C 36 -20.71 11.10 -23.79
CA SER C 36 -20.04 12.12 -24.59
C SER C 36 -18.56 11.80 -24.85
N GLY C 37 -18.03 10.83 -24.12
CA GLY C 37 -16.67 10.38 -24.33
C GLY C 37 -15.63 10.91 -23.35
N LYS C 38 -16.08 11.29 -22.15
CA LYS C 38 -15.20 11.85 -21.13
C LYS C 38 -14.09 10.89 -20.72
N SER C 39 -14.45 9.64 -20.41
CA SER C 39 -13.48 8.69 -19.88
C SER C 39 -12.53 8.24 -20.97
N THR C 40 -13.05 8.14 -22.18
CA THR C 40 -12.25 7.77 -23.35
C THR C 40 -11.18 8.84 -23.60
N LEU C 41 -11.57 10.10 -23.52
CA LEU C 41 -10.62 11.20 -23.63
C LEU C 41 -9.63 11.16 -22.46
N ALA C 42 -10.15 11.01 -21.24
CA ALA C 42 -9.30 10.92 -20.05
C ALA C 42 -8.22 9.84 -20.19
N CYS C 43 -8.62 8.65 -20.62
N CYS C 43 -8.60 8.66 -20.62
CA CYS C 43 -7.67 7.55 -20.81
CA CYS C 43 -7.63 7.59 -20.78
C CYS C 43 -6.63 7.88 -21.89
C CYS C 43 -6.61 7.92 -21.89
N ALA C 44 -7.11 8.38 -23.03
CA ALA C 44 -6.21 8.73 -24.14
C ALA C 44 -5.22 9.82 -23.73
N LEU C 45 -5.68 10.79 -22.95
CA LEU C 45 -4.82 11.85 -22.44
C LEU C 45 -3.76 11.30 -21.46
N ASN C 46 -4.20 10.45 -20.54
CA ASN C 46 -3.32 9.80 -19.57
C ASN C 46 -2.23 9.00 -20.27
N GLN C 47 -2.65 8.23 -21.28
CA GLN C 47 -1.72 7.38 -22.02
C GLN C 47 -0.66 8.22 -22.75
N MET C 48 -1.12 9.31 -23.36
CA MET C 48 -0.24 10.20 -24.11
C MET C 48 0.77 10.89 -23.22
N LEU C 49 0.30 11.42 -22.09
CA LEU C 49 1.16 12.09 -21.13
C LEU C 49 2.13 11.12 -20.48
N TYR C 50 1.65 9.92 -20.16
CA TYR C 50 2.54 8.91 -19.57
C TYR C 50 3.74 8.67 -20.50
N GLN C 51 3.45 8.52 -21.79
CA GLN C 51 4.54 8.22 -22.72
C GLN C 51 5.54 9.37 -22.76
N LYS C 52 5.07 10.58 -22.44
CA LYS C 52 5.95 11.74 -22.38
C LYS C 52 6.63 11.89 -21.01
N GLY C 53 6.42 10.93 -20.12
CA GLY C 53 7.06 10.95 -18.82
C GLY C 53 6.39 11.84 -17.78
N LYS C 54 5.11 12.14 -18.01
CA LYS C 54 4.34 13.00 -17.11
C LYS C 54 3.35 12.14 -16.34
N LEU C 55 3.21 12.43 -15.05
CA LEU C 55 2.39 11.62 -14.16
C LEU C 55 1.01 12.21 -14.02
N CYS C 56 0.01 11.41 -14.40
CA CYS C 56 -1.40 11.81 -14.33
C CYS C 56 -2.15 10.87 -13.43
N TYR C 57 -3.27 11.34 -12.91
CA TYR C 57 -4.20 10.44 -12.24
C TYR C 57 -5.63 10.83 -12.56
N ILE C 58 -6.44 9.85 -12.88
CA ILE C 58 -7.81 10.10 -13.32
C ILE C 58 -8.76 9.85 -12.17
N LEU C 59 -9.56 10.86 -11.86
CA LEU C 59 -10.67 10.72 -10.93
C LEU C 59 -11.93 10.62 -11.76
N ASP C 60 -12.42 9.39 -11.96
CA ASP C 60 -13.59 9.17 -12.80
C ASP C 60 -14.84 9.05 -11.94
N GLY C 61 -15.91 9.72 -12.39
CA GLY C 61 -17.15 9.75 -11.66
C GLY C 61 -17.66 8.37 -11.26
N ASP C 62 -17.74 7.47 -12.23
CA ASP C 62 -18.15 6.10 -11.95
C ASP C 62 -17.24 5.45 -10.90
N ASN C 63 -15.94 5.57 -11.12
CA ASN C 63 -14.96 4.92 -10.25
C ASN C 63 -15.05 5.40 -8.81
N VAL C 64 -15.03 6.72 -8.65
CA VAL C 64 -15.01 7.29 -7.31
C VAL C 64 -16.29 6.99 -6.55
N ARG C 65 -17.39 6.83 -7.28
CA ARG C 65 -18.66 6.47 -6.65
C ARG C 65 -18.66 5.05 -6.07
N HIS C 66 -17.61 4.29 -6.38
CA HIS C 66 -17.43 2.94 -5.83
C HIS C 66 -16.72 3.01 -4.47
N GLY C 67 -16.08 4.14 -4.19
CA GLY C 67 -15.23 4.26 -3.01
C GLY C 67 -15.55 5.47 -2.14
N LEU C 68 -14.78 6.54 -2.32
CA LEU C 68 -15.01 7.79 -1.58
C LEU C 68 -16.48 8.19 -1.59
N ASN C 69 -17.09 8.16 -2.76
CA ASN C 69 -18.46 8.63 -2.89
C ASN C 69 -19.52 7.53 -2.98
N ARG C 70 -19.24 6.39 -2.36
CA ARG C 70 -20.17 5.27 -2.37
C ARG C 70 -21.45 5.61 -1.59
N ASP C 71 -21.41 6.67 -0.79
CA ASP C 71 -22.55 7.07 0.02
C ASP C 71 -23.48 8.05 -0.69
N LEU C 72 -23.15 8.42 -1.92
CA LEU C 72 -23.94 9.41 -2.65
C LEU C 72 -24.85 8.81 -3.73
N SER C 73 -26.02 9.42 -3.90
CA SER C 73 -26.92 9.04 -4.96
C SER C 73 -26.79 10.01 -6.14
N PHE C 74 -27.87 10.18 -6.89
CA PHE C 74 -27.91 11.11 -8.01
C PHE C 74 -28.94 12.23 -7.81
N LYS C 75 -29.42 12.38 -6.58
CA LYS C 75 -30.26 13.52 -6.27
C LYS C 75 -29.41 14.78 -6.42
N ALA C 76 -30.04 15.91 -6.70
CA ALA C 76 -29.32 17.14 -6.98
C ALA C 76 -28.28 17.48 -5.92
N GLU C 77 -28.67 17.39 -4.64
CA GLU C 77 -27.76 17.72 -3.56
C GLU C 77 -26.60 16.73 -3.46
N ASP C 78 -26.84 15.48 -3.87
CA ASP C 78 -25.82 14.45 -3.79
C ASP C 78 -24.83 14.58 -4.94
N ARG C 79 -25.33 14.93 -6.13
CA ARG C 79 -24.43 15.19 -7.25
C ARG C 79 -23.58 16.39 -6.89
N ALA C 80 -24.18 17.37 -6.21
CA ALA C 80 -23.45 18.56 -5.80
C ALA C 80 -22.31 18.21 -4.86
N GLU C 81 -22.58 17.34 -3.89
CA GLU C 81 -21.54 16.89 -2.96
C GLU C 81 -20.49 16.03 -3.67
N ASN C 82 -20.94 15.19 -4.59
CA ASN C 82 -20.04 14.36 -5.40
C ASN C 82 -19.01 15.23 -6.13
N ILE C 83 -19.51 16.26 -6.82
CA ILE C 83 -18.66 17.24 -7.50
C ILE C 83 -17.72 17.96 -6.53
N ARG C 84 -18.27 18.47 -5.43
CA ARG C 84 -17.47 19.16 -4.41
C ARG C 84 -16.30 18.31 -3.91
N ARG C 85 -16.59 17.07 -3.52
CA ARG C 85 -15.54 16.17 -3.02
C ARG C 85 -14.47 15.92 -4.08
N VAL C 86 -14.89 15.60 -5.31
CA VAL C 86 -13.92 15.36 -6.38
C VAL C 86 -13.07 16.62 -6.64
N GLY C 87 -13.70 17.78 -6.57
CA GLY C 87 -12.98 19.03 -6.72
C GLY C 87 -11.90 19.18 -5.66
N GLU C 88 -12.23 18.88 -4.42
CA GLU C 88 -11.26 18.98 -3.33
C GLU C 88 -10.15 17.92 -3.47
N VAL C 89 -10.53 16.70 -3.85
CA VAL C 89 -9.54 15.65 -4.06
C VAL C 89 -8.62 16.01 -5.23
N ALA C 90 -9.20 16.53 -6.32
CA ALA C 90 -8.39 16.98 -7.46
C ALA C 90 -7.39 18.05 -7.03
N LYS C 91 -7.82 18.97 -6.16
CA LYS C 91 -6.92 20.00 -5.65
C LYS C 91 -5.73 19.39 -4.90
N LEU C 92 -5.97 18.35 -4.11
CA LEU C 92 -4.88 17.68 -3.39
C LEU C 92 -3.93 17.05 -4.39
N PHE C 93 -4.45 16.42 -5.42
CA PHE C 93 -3.59 15.82 -6.43
C PHE C 93 -2.74 16.88 -7.14
N ALA C 94 -3.35 18.01 -7.49
CA ALA C 94 -2.59 19.07 -8.16
C ALA C 94 -1.53 19.63 -7.22
N ASP C 95 -1.87 19.75 -5.94
CA ASP C 95 -0.91 20.19 -4.94
C ASP C 95 0.24 19.20 -4.80
N ALA C 96 -0.03 17.92 -5.06
CA ALA C 96 1.01 16.90 -5.07
C ALA C 96 1.90 16.92 -6.33
N GLY C 97 1.57 17.83 -7.25
CA GLY C 97 2.30 17.99 -8.51
C GLY C 97 1.75 17.15 -9.67
N ILE C 98 0.64 16.47 -9.42
CA ILE C 98 0.07 15.55 -10.40
CA ILE C 98 0.07 15.55 -10.40
C ILE C 98 -0.85 16.28 -11.37
N ILE C 99 -0.90 15.79 -12.61
CA ILE C 99 -1.87 16.30 -13.58
C ILE C 99 -3.11 15.48 -13.35
N CYS C 100 -4.05 16.05 -12.62
CA CYS C 100 -5.24 15.32 -12.20
C CYS C 100 -6.36 15.48 -13.21
N ILE C 101 -6.83 14.38 -13.78
CA ILE C 101 -7.91 14.43 -14.76
C ILE C 101 -9.22 13.98 -14.13
N ALA C 102 -10.15 14.92 -13.95
CA ALA C 102 -11.46 14.60 -13.40
C ALA C 102 -12.43 14.38 -14.54
N SER C 103 -13.05 13.21 -14.57
CA SER C 103 -14.02 12.87 -15.61
CA SER C 103 -14.03 12.91 -15.61
C SER C 103 -15.37 12.54 -14.99
N LEU C 104 -16.22 13.56 -14.85
CA LEU C 104 -17.51 13.42 -14.21
C LEU C 104 -18.55 14.17 -15.04
N ILE C 105 -19.78 13.67 -15.10
CA ILE C 105 -20.82 14.41 -15.82
C ILE C 105 -20.84 15.85 -15.32
N SER C 106 -20.73 16.00 -14.00
CA SER C 106 -20.72 17.31 -13.33
C SER C 106 -21.62 18.35 -14.03
N PRO C 107 -22.94 18.11 -13.99
CA PRO C 107 -23.92 18.79 -14.85
C PRO C 107 -24.25 20.22 -14.42
N TYR C 108 -23.92 20.58 -13.18
CA TYR C 108 -24.34 21.87 -12.65
C TYR C 108 -23.21 22.91 -12.72
N ARG C 109 -23.48 24.00 -13.43
CA ARG C 109 -22.53 25.09 -13.65
C ARG C 109 -21.96 25.63 -12.33
N THR C 110 -22.84 25.83 -11.35
CA THR C 110 -22.43 26.44 -10.10
C THR C 110 -21.44 25.54 -9.36
N ASP C 111 -21.65 24.24 -9.45
CA ASP C 111 -20.77 23.29 -8.76
C ASP C 111 -19.40 23.18 -9.43
N ARG C 112 -19.38 23.17 -10.76
CA ARG C 112 -18.10 23.16 -11.47
C ARG C 112 -17.33 24.45 -11.19
N ASP C 113 -18.03 25.58 -11.22
CA ASP C 113 -17.41 26.87 -10.90
C ASP C 113 -16.82 26.91 -9.49
N ALA C 114 -17.46 26.24 -8.53
CA ALA C 114 -16.92 26.16 -7.17
C ALA C 114 -15.59 25.40 -7.13
N CYS C 115 -15.49 24.34 -7.92
CA CYS C 115 -14.25 23.57 -8.02
C CYS C 115 -13.14 24.45 -8.60
N ARG C 116 -13.48 25.21 -9.64
CA ARG C 116 -12.53 26.13 -10.27
CA ARG C 116 -12.52 26.12 -10.26
C ARG C 116 -11.97 27.11 -9.24
N SER C 117 -12.85 27.60 -8.37
CA SER C 117 -12.47 28.59 -7.37
CA SER C 117 -12.48 28.60 -7.37
C SER C 117 -11.57 28.04 -6.27
N LEU C 118 -11.49 26.72 -6.17
CA LEU C 118 -10.61 26.08 -5.17
C LEU C 118 -9.15 26.23 -5.56
N LEU C 119 -8.89 26.50 -6.83
CA LEU C 119 -7.54 26.48 -7.37
C LEU C 119 -7.08 27.86 -7.83
N PRO C 120 -5.75 28.08 -7.79
CA PRO C 120 -5.15 29.28 -8.36
C PRO C 120 -5.55 29.44 -9.83
N GLU C 121 -5.68 30.67 -10.31
CA GLU C 121 -6.03 30.90 -11.70
C GLU C 121 -5.00 30.22 -12.59
N GLY C 122 -5.47 29.50 -13.60
CA GLY C 122 -4.57 28.74 -14.45
C GLY C 122 -4.48 27.26 -14.13
N ASP C 123 -4.68 26.89 -12.86
CA ASP C 123 -4.52 25.49 -12.44
C ASP C 123 -5.76 24.62 -12.68
N PHE C 124 -6.83 25.23 -13.14
CA PHE C 124 -8.06 24.52 -13.44
C PHE C 124 -8.37 24.66 -14.91
N VAL C 125 -8.34 23.55 -15.64
CA VAL C 125 -8.61 23.58 -17.08
C VAL C 125 -9.90 22.85 -17.37
N GLU C 126 -10.95 23.61 -17.67
CA GLU C 126 -12.27 23.03 -17.90
C GLU C 126 -12.37 22.56 -19.36
N VAL C 127 -12.65 21.27 -19.53
CA VAL C 127 -12.75 20.66 -20.84
C VAL C 127 -14.17 20.15 -21.10
N PHE C 128 -14.83 20.71 -22.11
CA PHE C 128 -16.20 20.35 -22.43
C PHE C 128 -16.25 19.37 -23.62
N MET C 129 -16.82 18.19 -23.39
CA MET C 129 -17.10 17.26 -24.46
C MET C 129 -18.39 17.72 -25.12
N ASP C 130 -18.25 18.57 -26.12
CA ASP C 130 -19.37 19.22 -26.78
C ASP C 130 -20.02 18.26 -27.76
N VAL C 131 -20.67 17.22 -27.22
CA VAL C 131 -21.32 16.20 -28.03
C VAL C 131 -22.82 16.20 -27.73
N PRO C 132 -23.63 16.47 -28.77
CA PRO C 132 -25.08 16.62 -28.61
C PRO C 132 -25.75 15.39 -27.99
N LEU C 133 -26.86 15.61 -27.28
CA LEU C 133 -27.63 14.52 -26.71
C LEU C 133 -27.95 13.44 -27.75
N SER C 134 -28.38 13.85 -28.94
CA SER C 134 -28.74 12.89 -29.96
C SER C 134 -27.58 11.92 -30.23
N VAL C 135 -26.37 12.46 -30.36
CA VAL C 135 -25.20 11.62 -30.58
C VAL C 135 -24.89 10.71 -29.38
N CYS C 136 -25.02 11.23 -28.16
CA CYS C 136 -24.76 10.42 -26.97
C CYS C 136 -25.78 9.28 -26.84
N GLU C 137 -27.03 9.58 -27.13
CA GLU C 137 -28.10 8.58 -27.05
C GLU C 137 -27.95 7.51 -28.13
N ALA C 138 -27.47 7.93 -29.30
CA ALA C 138 -27.19 6.99 -30.38
C ALA C 138 -26.18 5.94 -29.93
N ARG C 139 -25.03 6.40 -29.41
CA ARG C 139 -24.01 5.52 -28.89
C ARG C 139 -24.58 4.64 -27.79
N ASP C 140 -25.15 5.29 -26.78
CA ASP C 140 -25.74 4.61 -25.62
C ASP C 140 -25.07 3.26 -25.36
N PRO C 141 -23.76 3.29 -25.08
CA PRO C 141 -22.96 2.06 -24.95
C PRO C 141 -23.41 1.18 -23.79
N LYS C 142 -23.94 1.80 -22.74
CA LYS C 142 -24.35 1.06 -21.55
C LYS C 142 -25.85 0.84 -21.50
N GLY C 143 -26.57 1.43 -22.44
CA GLY C 143 -28.01 1.26 -22.51
C GLY C 143 -28.76 2.01 -21.42
N LEU C 144 -28.08 2.95 -20.77
CA LEU C 144 -28.69 3.77 -19.72
C LEU C 144 -29.77 4.69 -20.29
N TYR C 145 -29.56 5.20 -21.50
CA TYR C 145 -30.53 6.06 -22.15
C TYR C 145 -31.82 5.29 -22.44
N LYS C 146 -31.68 4.03 -22.82
CA LYS C 146 -32.83 3.18 -23.11
C LYS C 146 -33.61 2.92 -21.83
N LEU C 147 -32.90 2.58 -20.75
CA LEU C 147 -33.52 2.36 -19.45
C LEU C 147 -34.17 3.64 -18.94
N ALA C 148 -33.54 4.78 -19.22
CA ALA C 148 -34.06 6.07 -18.80
C ALA C 148 -35.38 6.38 -19.51
N ARG C 149 -35.38 6.24 -20.83
CA ARG C 149 -36.60 6.44 -21.62
C ARG C 149 -37.72 5.56 -21.09
N ALA C 150 -37.41 4.28 -20.92
CA ALA C 150 -38.37 3.32 -20.39
C ALA C 150 -38.87 3.74 -19.00
N GLY C 151 -38.17 4.67 -18.39
CA GLY C 151 -38.57 5.20 -17.09
C GLY C 151 -38.09 4.36 -15.93
N LYS C 152 -37.30 3.33 -16.22
CA LYS C 152 -36.78 2.45 -15.19
C LYS C 152 -35.60 3.10 -14.43
N ILE C 153 -34.90 4.00 -15.10
CA ILE C 153 -33.91 4.85 -14.45
C ILE C 153 -34.46 6.27 -14.38
N LYS C 154 -34.55 6.81 -13.17
CA LYS C 154 -35.14 8.14 -13.00
C LYS C 154 -34.09 9.21 -12.76
N GLY C 155 -34.41 10.44 -13.16
CA GLY C 155 -33.53 11.58 -13.02
C GLY C 155 -32.23 11.46 -13.81
N PHE C 156 -32.30 10.88 -15.00
CA PHE C 156 -31.11 10.68 -15.82
C PHE C 156 -30.73 11.94 -16.58
N THR C 157 -29.49 12.38 -16.38
CA THR C 157 -28.95 13.60 -16.99
C THR C 157 -29.27 13.72 -18.47
N GLY C 158 -29.94 14.80 -18.84
CA GLY C 158 -30.28 15.05 -20.23
C GLY C 158 -31.67 14.58 -20.60
N ILE C 159 -32.25 13.74 -19.74
CA ILE C 159 -33.60 13.22 -19.96
C ILE C 159 -34.57 13.74 -18.90
N ASP C 160 -34.27 13.44 -17.64
CA ASP C 160 -35.11 13.88 -16.52
C ASP C 160 -34.32 14.69 -15.48
N ASP C 161 -33.14 15.16 -15.88
CA ASP C 161 -32.31 16.01 -15.03
C ASP C 161 -31.42 16.85 -15.95
N PRO C 162 -31.19 18.12 -15.59
CA PRO C 162 -30.55 19.06 -16.52
C PRO C 162 -29.02 18.92 -16.64
N TYR C 163 -28.50 19.26 -17.81
CA TYR C 163 -27.07 19.45 -17.98
C TYR C 163 -26.82 20.90 -18.41
N GLU C 164 -25.91 21.56 -17.73
CA GLU C 164 -25.66 22.98 -17.97
C GLU C 164 -24.24 23.14 -18.50
N PRO C 165 -24.11 23.40 -19.81
CA PRO C 165 -22.81 23.52 -20.46
C PRO C 165 -21.98 24.66 -19.89
N PRO C 166 -20.65 24.50 -19.89
CA PRO C 166 -19.74 25.57 -19.47
C PRO C 166 -19.94 26.81 -20.33
N LEU C 167 -19.87 27.99 -19.74
CA LEU C 167 -20.07 29.21 -20.51
C LEU C 167 -18.75 29.76 -21.02
N ASN C 168 -17.64 29.31 -20.42
CA ASN C 168 -16.35 29.91 -20.72
C ASN C 168 -15.19 28.94 -20.47
N CYS C 169 -15.29 27.75 -21.05
CA CYS C 169 -14.30 26.71 -20.78
C CYS C 169 -13.01 26.92 -21.56
N GLU C 170 -11.91 26.37 -21.05
CA GLU C 170 -10.61 26.48 -21.69
C GLU C 170 -10.56 25.70 -23.00
N ILE C 171 -11.16 24.51 -23.00
CA ILE C 171 -11.11 23.63 -24.16
C ILE C 171 -12.47 23.01 -24.46
N SER C 172 -12.88 23.05 -25.72
CA SER C 172 -14.10 22.39 -26.16
CA SER C 172 -14.10 22.41 -26.17
C SER C 172 -13.75 21.34 -27.21
N LEU C 173 -14.22 20.12 -26.99
CA LEU C 173 -13.90 19.00 -27.86
C LEU C 173 -15.16 18.36 -28.43
N GLY C 174 -15.03 17.76 -29.61
CA GLY C 174 -16.11 16.97 -30.17
C GLY C 174 -17.00 17.73 -31.14
N THR C 179 -14.15 13.47 -34.37
CA THR C 179 -12.73 13.64 -34.06
C THR C 179 -12.29 12.57 -33.05
N SER C 180 -11.14 11.95 -33.31
CA SER C 180 -10.75 10.76 -32.55
C SER C 180 -10.28 11.08 -31.15
N PRO C 181 -10.35 10.09 -30.23
CA PRO C 181 -9.80 10.25 -28.88
C PRO C 181 -8.35 10.70 -28.90
N ILE C 182 -7.55 10.14 -29.80
CA ILE C 182 -6.13 10.47 -29.84
C ILE C 182 -5.94 11.91 -30.29
N GLU C 183 -6.70 12.35 -31.29
CA GLU C 183 -6.55 13.72 -31.77
C GLU C 183 -7.01 14.70 -30.70
N MET C 184 -8.10 14.37 -30.00
CA MET C 184 -8.58 15.23 -28.91
C MET C 184 -7.54 15.33 -27.81
N ALA C 185 -6.92 14.20 -27.46
CA ALA C 185 -5.87 14.21 -26.44
C ALA C 185 -4.69 15.06 -26.91
N GLU C 186 -4.34 14.98 -28.20
CA GLU C 186 -3.25 15.80 -28.69
C GLU C 186 -3.56 17.28 -28.48
N LYS C 187 -4.82 17.65 -28.69
CA LYS C 187 -5.25 19.03 -28.51
C LYS C 187 -5.08 19.49 -27.07
N VAL C 188 -5.46 18.64 -26.13
CA VAL C 188 -5.28 18.95 -24.72
C VAL C 188 -3.80 19.02 -24.34
N VAL C 189 -3.01 18.05 -24.78
CA VAL C 189 -1.57 18.05 -24.47
C VAL C 189 -0.89 19.30 -25.04
N GLY C 190 -1.24 19.65 -26.28
CA GLY C 190 -0.69 20.84 -26.90
C GLY C 190 -0.98 22.07 -26.08
N TYR C 191 -2.20 22.16 -25.56
CA TYR C 191 -2.62 23.28 -24.72
C TYR C 191 -1.83 23.33 -23.41
N LEU C 192 -1.65 22.17 -22.79
CA LEU C 192 -0.88 22.08 -21.57
C LEU C 192 0.57 22.47 -21.82
N ASP C 193 1.13 21.95 -22.90
CA ASP C 193 2.51 22.26 -23.27
C ASP C 193 2.70 23.75 -23.50
N ASN C 194 1.78 24.37 -24.24
CA ASN C 194 1.85 25.80 -24.52
CA ASN C 194 1.85 25.80 -24.52
C ASN C 194 1.79 26.64 -23.25
N LYS C 195 1.00 26.21 -22.28
CA LYS C 195 0.87 26.91 -21.01
C LYS C 195 2.04 26.64 -20.05
N GLY C 196 2.92 25.71 -20.45
CA GLY C 196 4.10 25.41 -19.66
C GLY C 196 3.87 24.42 -18.52
N TYR C 197 2.78 23.67 -18.57
CA TYR C 197 2.45 22.75 -17.50
C TYR C 197 3.20 21.42 -17.58
N LEU C 198 3.94 21.19 -18.66
CA LEU C 198 4.62 19.92 -18.87
C LEU C 198 6.11 19.98 -18.54
N GLN C 199 6.51 21.02 -17.81
CA GLN C 199 7.86 21.13 -17.28
C GLN C 199 7.78 21.87 -15.95
N ALA C 200 8.76 21.65 -15.07
CA ALA C 200 8.75 22.31 -13.76
C ALA C 200 8.84 23.82 -13.90
#